data_6O3T
#
_entry.id   6O3T
#
_cell.length_a   128.365
_cell.length_b   41.812
_cell.length_c   82.654
_cell.angle_alpha   90.00
_cell.angle_beta   98.30
_cell.angle_gamma   90.00
#
_symmetry.space_group_name_H-M   'C 1 2 1'
#
loop_
_entity.id
_entity.type
_entity.pdbx_description
1 polymer 'Forkhead box protein C2'
2 polymer "DNA (5'-D(*AP*AP*AP*TP*TP*GP*TP*TP*TP*AP*TP*AP*AP*AP*CP*AP*GP*CP*CP*CP*G)-3')"
3 polymer "DNA (5'-D(*TP*TP*CP*GP*GP*GP*CP*TP*GP*TP*TP*TP*AP*TP*AP*AP*AP*CP*AP*AP*T)-3')"
#
loop_
_entity_poly.entity_id
_entity_poly.type
_entity_poly.pdbx_seq_one_letter_code
_entity_poly.pdbx_strand_id
1 'polypeptide(L)'
;LVKPPYSYIALITMAIQNAPEKKITLNGIYQFIMDRFPFYRENKQGWQNSIRHNLSLNECFVKVPRDDKKPGKGSYWTLD
PDSYNMFENGSFLRR
;
A,B
2 'polydeoxyribonucleotide'
;(DA)(DA)(DA)(DT)(DT)(DG)(DT)(DT)(DT)(DA)(DT)(DA)(DA)(DA)(DC)(DA)(DG)(DC)(DC)(DC)
(DG)
;
C
3 'polydeoxyribonucleotide'
;(DT)(DT)(DC)(DG)(DG)(DG)(DC)(DT)(DG)(DT)(DT)(DT)(DA)(DT)(DA)(DA)(DA)(DC)(DA)(DA)
(DT)
;
D
#
loop_
_chem_comp.id
_chem_comp.type
_chem_comp.name
_chem_comp.formula
DA DNA linking 2'-DEOXYADENOSINE-5'-MONOPHOSPHATE 'C10 H14 N5 O6 P'
DC DNA linking 2'-DEOXYCYTIDINE-5'-MONOPHOSPHATE 'C9 H14 N3 O7 P'
DG DNA linking 2'-DEOXYGUANOSINE-5'-MONOPHOSPHATE 'C10 H14 N5 O7 P'
DT DNA linking THYMIDINE-5'-MONOPHOSPHATE 'C10 H15 N2 O8 P'
#
# COMPACT_ATOMS: atom_id res chain seq x y z
N LEU A 1 4.30 25.67 0.90
CA LEU A 1 3.41 25.43 -0.23
C LEU A 1 4.08 24.58 -1.28
N VAL A 2 5.04 23.77 -0.86
CA VAL A 2 5.66 22.84 -1.81
C VAL A 2 4.74 21.64 -2.01
N LYS A 3 4.56 20.79 -0.99
CA LYS A 3 3.75 19.60 -1.11
C LYS A 3 2.59 19.62 -0.13
N PRO A 4 1.40 19.21 -0.54
CA PRO A 4 0.31 19.13 0.41
C PRO A 4 0.58 17.99 1.38
N PRO A 5 0.38 18.16 2.70
CA PRO A 5 0.75 17.19 3.75
C PRO A 5 -0.19 16.02 3.86
N TYR A 6 -0.71 15.58 2.72
CA TYR A 6 -1.63 14.46 2.62
C TYR A 6 -0.93 13.27 2.01
N SER A 7 -1.36 12.10 2.45
CA SER A 7 -0.93 10.89 1.78
C SER A 7 -1.68 10.73 0.48
N TYR A 8 -1.16 9.83 -0.35
CA TYR A 8 -1.95 9.35 -1.46
C TYR A 8 -3.29 8.78 -0.97
N ILE A 9 -3.29 8.01 0.13
CA ILE A 9 -4.53 7.44 0.65
C ILE A 9 -5.49 8.55 1.01
N ALA A 10 -4.98 9.56 1.72
CA ALA A 10 -5.76 10.74 2.03
C ALA A 10 -6.40 11.30 0.79
N LEU A 11 -5.57 11.52 -0.25
CA LEU A 11 -5.95 12.13 -1.53
C LEU A 11 -7.00 11.31 -2.25
N ILE A 12 -6.72 10.02 -2.44
CA ILE A 12 -7.72 9.13 -3.03
C ILE A 12 -8.99 9.13 -2.21
N THR A 13 -8.86 9.22 -0.88
CA THR A 13 -10.09 9.17 -0.10
C THR A 13 -10.91 10.40 -0.38
N MET A 14 -10.33 11.57 -0.21
CA MET A 14 -11.14 12.76 -0.44
C MET A 14 -11.60 12.85 -1.89
N ALA A 15 -10.89 12.19 -2.81
CA ALA A 15 -11.35 12.14 -4.20
C ALA A 15 -12.65 11.37 -4.32
N ILE A 16 -12.66 10.13 -3.85
CA ILE A 16 -13.91 9.36 -3.77
C ILE A 16 -14.93 10.10 -2.93
N GLN A 17 -14.50 10.56 -1.75
CA GLN A 17 -15.37 11.34 -0.89
C GLN A 17 -16.07 12.45 -1.67
N ASN A 18 -15.39 13.02 -2.65
CA ASN A 18 -15.93 14.20 -3.32
C ASN A 18 -16.81 13.89 -4.53
N ALA A 19 -16.87 12.63 -4.97
CA ALA A 19 -17.82 12.30 -6.01
C ALA A 19 -19.25 12.43 -5.49
N PRO A 20 -20.22 12.67 -6.38
CA PRO A 20 -21.60 12.80 -5.92
C PRO A 20 -22.25 11.44 -5.74
N GLU A 21 -21.79 10.47 -6.55
CA GLU A 21 -22.13 9.08 -6.35
C GLU A 21 -21.06 8.35 -5.57
N LYS A 22 -20.05 9.05 -5.06
CA LYS A 22 -19.05 8.43 -4.19
C LYS A 22 -18.34 7.26 -4.87
N LYS A 23 -18.21 7.38 -6.19
CA LYS A 23 -17.43 6.49 -7.04
C LYS A 23 -16.75 7.37 -8.09
N ILE A 24 -15.53 7.01 -8.47
CA ILE A 24 -14.72 7.87 -9.32
C ILE A 24 -13.82 7.02 -10.22
N THR A 25 -13.57 7.50 -11.44
CA THR A 25 -12.65 6.83 -12.36
C THR A 25 -11.21 7.25 -12.10
N LEU A 26 -10.28 6.32 -12.26
CA LEU A 26 -8.87 6.60 -12.01
C LEU A 26 -8.43 7.94 -12.59
N ASN A 27 -8.83 8.23 -13.82
CA ASN A 27 -8.44 9.54 -14.32
C ASN A 27 -9.17 10.64 -13.57
N GLY A 28 -10.40 10.36 -13.12
CA GLY A 28 -11.09 11.30 -12.25
C GLY A 28 -10.32 11.59 -10.97
N ILE A 29 -9.63 10.57 -10.43
CA ILE A 29 -8.76 10.80 -9.28
C ILE A 29 -7.64 11.75 -9.66
N TYR A 30 -6.81 11.34 -10.63
CA TYR A 30 -5.78 12.21 -11.17
C TYR A 30 -6.26 13.66 -11.25
N GLN A 31 -7.45 13.86 -11.81
CA GLN A 31 -7.94 15.22 -12.05
C GLN A 31 -8.23 15.94 -10.74
N PHE A 32 -9.07 15.36 -9.88
CA PHE A 32 -9.43 16.00 -8.62
C PHE A 32 -8.18 16.52 -7.91
N ILE A 33 -7.14 15.69 -7.91
CA ILE A 33 -5.87 16.00 -7.26
C ILE A 33 -5.21 17.19 -7.91
N MET A 34 -5.03 17.16 -9.24
CA MET A 34 -4.36 18.26 -9.94
C MET A 34 -5.23 19.50 -9.96
N ASP A 35 -6.55 19.31 -10.08
CA ASP A 35 -7.47 20.44 -10.08
C ASP A 35 -7.27 21.34 -8.85
N ARG A 36 -6.83 20.76 -7.72
CA ARG A 36 -6.81 21.39 -6.39
C ARG A 36 -5.44 21.64 -5.82
N PHE A 37 -4.47 20.75 -6.06
CA PHE A 37 -3.15 20.88 -5.46
C PHE A 37 -2.15 21.11 -6.57
N PRO A 38 -1.61 22.32 -6.68
CA PRO A 38 -0.73 22.62 -7.82
C PRO A 38 0.53 21.81 -7.80
N PHE A 39 0.90 21.25 -6.66
CA PHE A 39 2.13 20.50 -6.59
C PHE A 39 2.12 19.34 -7.56
N TYR A 40 0.97 18.72 -7.76
CA TYR A 40 0.88 17.51 -8.56
C TYR A 40 0.55 17.81 -10.01
N ARG A 41 0.74 19.05 -10.47
CA ARG A 41 0.56 19.29 -11.88
C ARG A 41 1.80 18.95 -12.67
N GLU A 42 2.93 18.88 -11.99
CA GLU A 42 4.14 18.22 -12.45
C GLU A 42 4.41 17.08 -11.48
N ASN A 43 5.31 16.14 -11.84
CA ASN A 43 5.75 15.86 -13.20
C ASN A 43 4.67 14.97 -13.69
N LYS A 44 4.17 14.23 -12.72
CA LYS A 44 2.92 13.48 -12.78
C LYS A 44 3.15 12.11 -13.39
N GLN A 45 4.30 11.94 -14.02
CA GLN A 45 4.70 10.61 -14.45
C GLN A 45 4.73 9.66 -13.28
N GLY A 46 5.39 10.07 -12.20
CA GLY A 46 5.64 9.16 -11.11
C GLY A 46 4.52 9.08 -10.10
N TRP A 47 4.03 10.22 -9.62
CA TRP A 47 3.04 10.16 -8.55
C TRP A 47 1.76 9.53 -9.03
N GLN A 48 1.48 9.59 -10.33
CA GLN A 48 0.33 8.84 -10.80
C GLN A 48 0.55 7.36 -10.66
N ASN A 49 1.79 6.89 -10.79
CA ASN A 49 2.10 5.49 -10.55
C ASN A 49 1.67 5.09 -9.15
N SER A 50 2.15 5.82 -8.17
CA SER A 50 1.88 5.55 -6.77
C SER A 50 0.41 5.71 -6.40
N ILE A 51 -0.38 6.52 -7.12
CA ILE A 51 -1.83 6.51 -6.90
C ILE A 51 -2.40 5.16 -7.27
N ARG A 52 -2.02 4.63 -8.45
CA ARG A 52 -2.51 3.34 -8.89
C ARG A 52 -2.09 2.24 -7.93
N HIS A 53 -0.86 2.36 -7.43
CA HIS A 53 -0.29 1.48 -6.43
C HIS A 53 -1.10 1.50 -5.15
N ASN A 54 -1.59 2.67 -4.77
CA ASN A 54 -2.36 2.69 -3.54
C ASN A 54 -3.75 2.15 -3.73
N LEU A 55 -4.31 2.20 -4.92
CA LEU A 55 -5.60 1.55 -5.09
C LEU A 55 -5.42 0.05 -5.03
N SER A 56 -4.52 -0.48 -5.85
CA SER A 56 -4.35 -1.92 -5.88
C SER A 56 -4.05 -2.45 -4.48
N LEU A 57 -3.20 -1.75 -3.74
CA LEU A 57 -2.62 -2.35 -2.52
C LEU A 57 -3.61 -2.32 -1.34
N ASN A 58 -4.36 -1.25 -1.20
CA ASN A 58 -5.08 -0.97 0.03
C ASN A 58 -6.51 -1.48 -0.01
N GLU A 59 -6.78 -2.45 0.88
CA GLU A 59 -8.10 -3.00 1.11
C GLU A 59 -9.17 -1.94 1.34
N CYS A 60 -8.81 -0.68 1.57
CA CYS A 60 -9.89 0.26 1.83
C CYS A 60 -10.58 0.72 0.57
N PHE A 61 -9.94 0.50 -0.57
CA PHE A 61 -10.44 0.97 -1.86
C PHE A 61 -10.99 -0.21 -2.65
N VAL A 62 -12.21 -0.04 -3.16
CA VAL A 62 -12.99 -1.14 -3.72
C VAL A 62 -13.29 -0.81 -5.15
N LYS A 63 -12.72 -1.60 -6.06
CA LYS A 63 -12.97 -1.47 -7.49
C LYS A 63 -14.33 -2.08 -7.80
N VAL A 64 -15.25 -1.26 -8.28
CA VAL A 64 -16.51 -1.80 -8.81
C VAL A 64 -16.61 -1.46 -10.31
N PRO A 65 -17.25 -2.31 -11.10
CA PRO A 65 -17.16 -2.19 -12.56
C PRO A 65 -17.98 -1.04 -13.14
N ARG A 66 -17.67 -0.70 -14.39
CA ARG A 66 -18.32 0.44 -15.02
C ARG A 66 -19.81 0.15 -15.27
N ASP A 67 -20.54 1.23 -15.58
CA ASP A 67 -21.98 1.13 -15.87
C ASP A 67 -22.30 1.53 -17.29
N ASP A 68 -22.91 0.61 -18.03
CA ASP A 68 -23.28 0.87 -19.42
C ASP A 68 -22.04 1.09 -20.28
N LYS A 69 -20.85 0.86 -19.70
CA LYS A 69 -19.57 1.01 -20.42
C LYS A 69 -19.35 2.37 -21.09
N LYS A 70 -19.50 3.45 -20.33
CA LYS A 70 -19.40 4.79 -20.89
C LYS A 70 -18.25 5.57 -20.28
N PRO A 71 -17.24 5.91 -21.09
CA PRO A 71 -16.89 5.13 -22.29
C PRO A 71 -16.25 3.80 -21.93
N GLY A 72 -15.62 3.73 -20.76
CA GLY A 72 -14.97 2.51 -20.31
C GLY A 72 -13.51 2.72 -20.00
N LYS A 73 -12.68 1.73 -20.35
CA LYS A 73 -11.24 1.78 -20.12
C LYS A 73 -10.90 2.16 -18.67
N GLY A 74 -11.53 1.46 -17.72
CA GLY A 74 -11.29 1.73 -16.31
C GLY A 74 -12.54 1.62 -15.47
N SER A 75 -12.48 0.81 -14.42
CA SER A 75 -13.60 0.63 -13.52
C SER A 75 -13.70 1.80 -12.56
N TYR A 76 -14.80 1.84 -11.82
CA TYR A 76 -14.93 2.87 -10.82
C TYR A 76 -14.22 2.41 -9.55
N TRP A 77 -13.80 3.37 -8.72
CA TRP A 77 -13.29 3.04 -7.39
C TRP A 77 -14.21 3.61 -6.32
N THR A 78 -14.30 2.88 -5.19
CA THR A 78 -15.06 3.27 -4.02
C THR A 78 -14.27 2.94 -2.77
N LEU A 79 -14.87 3.21 -1.62
CA LEU A 79 -14.27 2.93 -0.33
C LEU A 79 -15.02 1.77 0.32
N ASP A 80 -14.25 0.80 0.81
CA ASP A 80 -14.79 -0.10 1.81
C ASP A 80 -15.45 0.73 2.91
N PRO A 81 -16.77 0.64 3.08
CA PRO A 81 -17.44 1.33 4.19
C PRO A 81 -16.79 1.14 5.56
N ASP A 82 -16.01 0.07 5.75
CA ASP A 82 -15.24 -0.09 6.98
C ASP A 82 -14.21 1.02 7.13
N SER A 83 -13.97 1.77 6.06
CA SER A 83 -12.89 2.73 5.99
C SER A 83 -13.40 4.06 5.50
N TYR A 84 -14.64 4.12 5.09
CA TYR A 84 -15.29 5.40 4.89
C TYR A 84 -15.43 6.04 6.26
N ASN A 85 -15.03 7.31 6.36
CA ASN A 85 -14.73 7.96 7.65
C ASN A 85 -13.49 7.37 8.33
N MET A 86 -12.47 6.86 7.60
CA MET A 86 -11.23 6.52 8.30
C MET A 86 -10.45 7.77 8.68
N PHE A 87 -10.49 8.78 7.82
CA PHE A 87 -9.80 10.03 8.04
C PHE A 87 -10.80 10.89 8.78
N GLU A 88 -11.20 10.37 9.93
CA GLU A 88 -12.22 10.98 10.75
C GLU A 88 -11.83 12.42 11.02
N ASN A 89 -10.54 12.66 11.21
CA ASN A 89 -10.11 14.01 11.55
C ASN A 89 -10.85 15.06 10.72
N GLY A 90 -10.91 14.84 9.41
CA GLY A 90 -11.57 15.77 8.51
C GLY A 90 -10.58 16.51 7.65
N SER A 91 -9.38 16.73 8.19
CA SER A 91 -8.33 17.44 7.46
C SER A 91 -7.34 16.46 6.85
N PHE A 92 -7.64 15.21 7.01
CA PHE A 92 -6.85 14.20 6.45
C PHE A 92 -5.43 14.19 6.85
N LEU A 93 -5.25 14.15 8.12
CA LEU A 93 -3.92 14.21 8.72
C LEU A 93 -3.56 12.87 9.37
N ARG A 94 -4.58 12.10 9.71
CA ARG A 94 -4.39 10.80 10.35
C ARG A 94 -5.49 9.81 9.96
N ARG A 95 -5.20 8.53 10.11
CA ARG A 95 -6.17 7.49 9.78
C ARG A 95 -6.11 6.33 10.78
N PRO D 4 19.73 -14.40 -4.60
CA PRO D 4 18.80 -15.50 -4.75
C PRO D 4 17.50 -14.98 -5.32
N PRO D 5 16.88 -15.65 -6.31
CA PRO D 5 15.70 -15.18 -7.05
C PRO D 5 14.40 -15.30 -6.30
N TYR D 6 14.47 -15.07 -5.00
CA TYR D 6 13.34 -15.15 -4.09
C TYR D 6 12.96 -13.75 -3.64
N SER D 7 11.68 -13.59 -3.41
CA SER D 7 11.21 -12.38 -2.77
C SER D 7 11.51 -12.44 -1.28
N TYR D 8 11.41 -11.29 -0.65
CA TYR D 8 11.34 -11.27 0.79
C TYR D 8 10.18 -12.15 1.30
N ILE D 9 9.01 -12.07 0.65
CA ILE D 9 7.86 -12.89 1.07
C ILE D 9 8.22 -14.37 0.98
N ALA D 10 8.82 -14.75 -0.14
CA ALA D 10 9.32 -16.11 -0.32
C ALA D 10 10.18 -16.50 0.85
N LEU D 11 11.17 -15.63 1.16
CA LEU D 11 12.19 -15.86 2.19
C LEU D 11 11.58 -15.99 3.57
N ILE D 12 10.75 -15.00 3.95
CA ILE D 12 10.02 -15.08 5.21
C ILE D 12 9.17 -16.34 5.24
N THR D 13 8.58 -16.71 4.11
CA THR D 13 7.74 -17.88 4.16
C THR D 13 8.55 -19.10 4.46
N MET D 14 9.58 -19.36 3.68
CA MET D 14 10.36 -20.56 3.95
C MET D 14 11.02 -20.49 5.31
N ALA D 15 11.23 -19.29 5.85
CA ALA D 15 11.76 -19.16 7.22
C ALA D 15 10.77 -19.71 8.23
N ILE D 16 9.55 -19.18 8.23
CA ILE D 16 8.49 -19.75 9.06
C ILE D 16 8.28 -21.21 8.72
N GLN D 17 8.17 -21.51 7.43
CA GLN D 17 8.04 -22.89 6.99
C GLN D 17 9.07 -23.79 7.67
N ASN D 18 10.27 -23.26 7.91
CA ASN D 18 11.35 -24.10 8.39
C ASN D 18 11.44 -24.22 9.91
N LYS D 22 6.82 -23.89 13.48
CA LYS D 22 6.21 -23.06 12.43
C LYS D 22 5.91 -21.65 12.93
N LYS D 23 6.74 -21.19 13.86
CA LYS D 23 6.74 -19.83 14.37
C LYS D 23 8.20 -19.46 14.58
N ILE D 24 8.53 -18.19 14.34
CA ILE D 24 9.92 -17.76 14.32
C ILE D 24 10.02 -16.31 14.79
N THR D 25 11.13 -15.99 15.47
CA THR D 25 11.39 -14.61 15.91
C THR D 25 12.08 -13.82 14.80
N LEU D 26 11.74 -12.54 14.71
CA LEU D 26 12.32 -11.68 13.67
C LEU D 26 13.81 -11.89 13.50
N ASN D 27 14.55 -11.97 14.60
CA ASN D 27 15.97 -12.22 14.40
C ASN D 27 16.19 -13.63 13.89
N GLY D 28 15.32 -14.57 14.27
CA GLY D 28 15.37 -15.90 13.68
C GLY D 28 15.19 -15.87 12.17
N ILE D 29 14.35 -14.96 11.67
CA ILE D 29 14.22 -14.79 10.23
C ILE D 29 15.54 -14.32 9.64
N TYR D 30 16.02 -13.15 10.09
CA TYR D 30 17.33 -12.65 9.71
C TYR D 30 18.34 -13.79 9.60
N GLN D 31 18.39 -14.65 10.63
CA GLN D 31 19.40 -15.69 10.69
C GLN D 31 19.19 -16.73 9.60
N PHE D 32 18.01 -17.33 9.54
CA PHE D 32 17.73 -18.37 8.56
C PHE D 32 18.19 -17.92 7.18
N ILE D 33 17.89 -16.66 6.85
CA ILE D 33 18.23 -16.06 5.57
C ILE D 33 19.73 -16.00 5.36
N MET D 34 20.46 -15.41 6.34
CA MET D 34 21.91 -15.28 6.21
C MET D 34 22.59 -16.62 6.34
N ASP D 35 22.07 -17.50 7.19
CA ASP D 35 22.63 -18.82 7.36
C ASP D 35 22.78 -19.55 6.02
N ARG D 36 21.88 -19.27 5.06
CA ARG D 36 21.69 -20.02 3.82
C ARG D 36 22.05 -19.29 2.55
N PHE D 37 21.80 -17.98 2.48
CA PHE D 37 22.04 -17.22 1.26
C PHE D 37 23.15 -16.23 1.53
N PRO D 38 24.33 -16.43 0.98
CA PRO D 38 25.46 -15.55 1.31
C PRO D 38 25.25 -14.13 0.85
N PHE D 39 24.34 -13.92 -0.08
CA PHE D 39 24.13 -12.59 -0.59
C PHE D 39 23.73 -11.63 0.53
N TYR D 40 22.94 -12.12 1.49
CA TYR D 40 22.39 -11.27 2.51
C TYR D 40 23.26 -11.23 3.76
N ARG D 41 24.56 -11.47 3.58
CA ARG D 41 25.52 -11.43 4.68
C ARG D 41 26.18 -10.05 4.80
N GLU D 42 26.67 -9.54 3.67
CA GLU D 42 27.32 -8.23 3.66
C GLU D 42 26.92 -7.44 2.41
N ASN D 43 26.32 -6.27 2.63
CA ASN D 43 26.04 -5.79 3.98
C ASN D 43 24.68 -6.26 4.48
N LYS D 44 24.22 -5.68 5.58
CA LYS D 44 22.94 -6.06 6.16
C LYS D 44 22.35 -4.93 7.01
N GLN D 45 22.01 -3.82 6.36
CA GLN D 45 21.42 -2.68 7.06
C GLN D 45 20.10 -2.26 6.43
N GLY D 46 19.97 -2.53 5.13
CA GLY D 46 18.78 -2.20 4.40
C GLY D 46 17.82 -3.35 4.22
N TRP D 47 18.30 -4.51 3.77
CA TRP D 47 17.35 -5.57 3.48
C TRP D 47 16.68 -6.06 4.74
N GLN D 48 17.32 -5.90 5.89
CA GLN D 48 16.57 -6.21 7.11
C GLN D 48 15.41 -5.28 7.30
N ASN D 49 15.54 -4.02 6.87
CA ASN D 49 14.41 -3.09 6.93
C ASN D 49 13.23 -3.66 6.17
N SER D 50 13.46 -4.01 4.91
CA SER D 50 12.42 -4.51 4.04
C SER D 50 11.86 -5.86 4.50
N ILE D 51 12.60 -6.68 5.25
CA ILE D 51 11.98 -7.86 5.86
C ILE D 51 10.92 -7.43 6.85
N ARG D 52 11.25 -6.47 7.73
CA ARG D 52 10.30 -6.01 8.72
C ARG D 52 9.09 -5.38 8.06
N HIS D 53 9.34 -4.66 6.96
CA HIS D 53 8.31 -4.05 6.12
C HIS D 53 7.39 -5.12 5.54
N ASN D 54 7.95 -6.26 5.16
CA ASN D 54 7.07 -7.26 4.60
C ASN D 54 6.25 -7.97 5.65
N LEU D 55 6.74 -8.04 6.88
CA LEU D 55 5.88 -8.62 7.90
C LEU D 55 4.73 -7.68 8.19
N SER D 56 5.05 -6.45 8.51
CA SER D 56 3.99 -5.50 8.86
C SER D 56 2.95 -5.44 7.75
N LEU D 57 3.39 -5.40 6.50
CA LEU D 57 2.50 -5.03 5.40
C LEU D 57 1.58 -6.18 4.99
N ASN D 58 2.08 -7.40 4.97
CA ASN D 58 1.42 -8.51 4.30
C ASN D 58 0.54 -9.31 5.25
N GLU D 59 -0.76 -9.27 4.98
CA GLU D 59 -1.77 -10.07 5.66
C GLU D 59 -1.41 -11.54 5.75
N CYS D 60 -0.43 -12.03 5.02
CA CYS D 60 -0.20 -13.47 5.11
C CYS D 60 0.59 -13.84 6.35
N PHE D 61 1.24 -12.87 6.98
CA PHE D 61 2.10 -13.09 8.12
C PHE D 61 1.40 -12.61 9.38
N VAL D 62 1.38 -13.48 10.40
CA VAL D 62 0.54 -13.29 11.57
C VAL D 62 1.44 -13.25 12.78
N LYS D 63 1.49 -12.09 13.42
CA LYS D 63 2.25 -11.88 14.64
C LYS D 63 1.47 -12.49 15.80
N VAL D 64 2.04 -13.50 16.44
CA VAL D 64 1.48 -14.00 17.70
C VAL D 64 2.48 -13.78 18.83
N PRO D 65 2.01 -13.55 20.05
CA PRO D 65 2.90 -13.07 21.12
C PRO D 65 3.81 -14.16 21.69
N GLY D 74 10.35 -9.07 21.11
CA GLY D 74 9.90 -9.48 19.79
C GLY D 74 8.96 -10.66 19.83
N SER D 75 7.81 -10.51 19.19
CA SER D 75 6.81 -11.56 19.15
C SER D 75 7.18 -12.59 18.10
N TYR D 76 6.47 -13.70 18.10
CA TYR D 76 6.71 -14.70 17.07
C TYR D 76 5.94 -14.30 15.82
N TRP D 77 6.40 -14.78 14.66
CA TRP D 77 5.62 -14.64 13.43
C TRP D 77 5.20 -16.00 12.91
N THR D 78 4.01 -16.03 12.28
CA THR D 78 3.45 -17.22 11.65
C THR D 78 2.82 -16.82 10.32
N LEU D 79 2.23 -17.81 9.67
CA LEU D 79 1.54 -17.62 8.41
C LEU D 79 0.04 -17.75 8.63
#